data_7R59
#
_entry.id   7R59
#
_cell.length_a   58.380
_cell.length_b   67.820
_cell.length_c   86.690
_cell.angle_alpha   90.000
_cell.angle_beta   90.000
_cell.angle_gamma   90.000
#
_symmetry.space_group_name_H-M   'P 21 21 21'
#
loop_
_entity.id
_entity.type
_entity.pdbx_description
1 polymer 'Poly [ADP-ribose] polymerase 2'
2 non-polymer GLYCEROL
3 non-polymer [1,2,4]triazolo[3,4-b][1,3]benzothiazol-6-ol
4 water water
#
_entity_poly.entity_id   1
_entity_poly.type   'polypeptide(L)'
_entity_poly.pdbx_seq_one_letter_code
;SMDLRVQELIKLICNVQAMEEMMMEMKYNTKKAPLGKLTVAQIKAGYQSLKKIEDCIRAGQHGRALMEACNEFYTRIPHD
FGLRTPPLIRTQKELSEKIQLLEALGDIEIAIKLVKTELQSPEHPLDQHYRNLHCALRPLDHESYEFKVISQYLQSTHAP
THSDYTMTLLDLFEVEKDGEKEAFREDLHNRMLLWHGSRMSNWVGILSHGLRIAHPEAPITGYMFGKGIYFADMSSKSAN
YCFASRLKNTGLLLLSEVALGQCNELLEANPKAEGLLQGKHSTKGLGKMAPSSAHFVTLNGSTVPLGPASDTGILNPDGY
TLNYNEYIVYNPNQVRMRYLLKVQFNFLQLW
;
_entity_poly.pdbx_strand_id   A
#
# COMPACT_ATOMS: atom_id res chain seq x y z
N SER A 1 -14.14 -21.24 -18.11
CA SER A 1 -12.75 -20.95 -17.64
C SER A 1 -12.63 -19.47 -17.23
N MET A 2 -11.47 -19.10 -16.72
CA MET A 2 -11.18 -17.73 -16.24
C MET A 2 -11.29 -16.74 -17.41
N ASP A 3 -11.99 -15.62 -17.21
CA ASP A 3 -11.99 -14.48 -18.17
C ASP A 3 -10.54 -14.21 -18.58
N LEU A 4 -10.30 -13.85 -19.84
CA LEU A 4 -8.93 -13.57 -20.32
C LEU A 4 -8.33 -12.37 -19.57
N ARG A 5 -9.13 -11.36 -19.23
CA ARG A 5 -8.65 -10.14 -18.55
C ARG A 5 -8.25 -10.49 -17.10
N VAL A 6 -8.97 -11.40 -16.45
CA VAL A 6 -8.59 -11.88 -15.09
C VAL A 6 -7.30 -12.72 -15.19
N GLN A 7 -7.16 -13.62 -16.18
CA GLN A 7 -5.93 -14.42 -16.37
C GLN A 7 -4.69 -13.50 -16.46
N GLU A 8 -4.79 -12.42 -17.25
CA GLU A 8 -3.67 -11.44 -17.44
C GLU A 8 -3.35 -10.76 -16.10
N LEU A 9 -4.36 -10.41 -15.33
CA LEU A 9 -4.15 -9.75 -14.02
C LEU A 9 -3.37 -10.70 -13.09
N ILE A 10 -3.83 -11.95 -12.99
CA ILE A 10 -3.22 -13.00 -12.12
C ILE A 10 -1.80 -13.27 -12.59
N LYS A 11 -1.63 -13.51 -13.88
CA LYS A 11 -0.29 -13.76 -14.44
C LYS A 11 0.63 -12.60 -14.05
N LEU A 12 0.15 -11.37 -14.14
CA LEU A 12 0.93 -10.17 -13.78
C LEU A 12 1.29 -10.22 -12.28
N ILE A 13 0.31 -10.35 -11.39
CA ILE A 13 0.63 -10.15 -9.96
C ILE A 13 1.36 -11.37 -9.36
N CYS A 14 1.20 -12.55 -9.95
CA CYS A 14 1.79 -13.85 -9.47
C CYS A 14 3.17 -14.10 -10.09
N ASN A 15 3.72 -13.16 -10.85
CA ASN A 15 5.04 -13.30 -11.51
C ASN A 15 6.15 -13.18 -10.48
N VAL A 16 6.73 -14.30 -10.06
CA VAL A 16 7.83 -14.38 -9.06
C VAL A 16 9.09 -13.77 -9.68
N GLN A 17 9.29 -13.89 -10.98
CA GLN A 17 10.51 -13.29 -11.57
C GLN A 17 10.47 -11.76 -11.41
N ALA A 18 9.29 -11.14 -11.56
CA ALA A 18 9.07 -9.69 -11.38
C ALA A 18 9.33 -9.32 -9.93
N MET A 19 8.90 -10.15 -8.98
CA MET A 19 9.18 -9.94 -7.53
C MET A 19 10.70 -9.95 -7.31
N GLU A 20 11.40 -10.91 -7.90
CA GLU A 20 12.88 -11.00 -7.83
C GLU A 20 13.45 -9.68 -8.34
N GLU A 21 12.98 -9.20 -9.50
CA GLU A 21 13.54 -7.98 -10.11
C GLU A 21 13.22 -6.74 -9.25
N MET A 22 12.01 -6.61 -8.69
CA MET A 22 11.68 -5.45 -7.83
C MET A 22 12.63 -5.47 -6.62
N MET A 23 12.84 -6.63 -6.01
CA MET A 23 13.71 -6.79 -4.83
C MET A 23 15.14 -6.38 -5.19
N MET A 24 15.64 -6.80 -6.35
CA MET A 24 17.03 -6.44 -6.78
C MET A 24 17.11 -4.92 -6.96
N GLU A 25 16.05 -4.29 -7.48
CA GLU A 25 15.95 -2.80 -7.61
C GLU A 25 16.01 -2.12 -6.24
N MET A 26 15.48 -2.75 -5.19
CA MET A 26 15.54 -2.20 -3.82
C MET A 26 16.84 -2.62 -3.12
N LYS A 27 17.80 -3.24 -3.83
CA LYS A 27 19.16 -3.66 -3.37
C LYS A 27 19.14 -4.92 -2.48
N TYR A 28 18.00 -5.61 -2.38
CA TYR A 28 17.92 -6.89 -1.64
C TYR A 28 18.65 -7.95 -2.46
N ASN A 29 19.45 -8.75 -1.80
CA ASN A 29 20.30 -9.78 -2.42
C ASN A 29 19.54 -11.11 -2.50
N THR A 30 18.90 -11.35 -3.64
CA THR A 30 18.06 -12.57 -3.86
C THR A 30 18.97 -13.78 -4.09
N LYS A 31 20.23 -13.56 -4.47
CA LYS A 31 21.23 -14.65 -4.60
C LYS A 31 21.58 -15.16 -3.22
N LYS A 32 21.91 -14.26 -2.30
CA LYS A 32 22.32 -14.68 -0.94
C LYS A 32 21.10 -15.09 -0.14
N ALA A 33 19.93 -14.51 -0.37
CA ALA A 33 18.70 -14.77 0.43
C ALA A 33 17.51 -14.96 -0.52
N PRO A 34 17.45 -16.11 -1.23
CA PRO A 34 16.38 -16.38 -2.19
C PRO A 34 14.96 -16.24 -1.60
N LEU A 35 14.01 -15.90 -2.46
CA LEU A 35 12.60 -15.69 -2.07
C LEU A 35 12.02 -17.03 -1.59
N GLY A 36 12.50 -18.16 -2.10
CA GLY A 36 12.09 -19.52 -1.67
C GLY A 36 12.44 -19.84 -0.22
N LYS A 37 13.40 -19.12 0.35
CA LYS A 37 13.92 -19.40 1.71
C LYS A 37 13.56 -18.25 2.64
N LEU A 38 12.78 -17.30 2.13
CA LEU A 38 12.29 -16.14 2.91
C LEU A 38 11.32 -16.64 3.99
N THR A 39 11.47 -16.15 5.22
CA THR A 39 10.63 -16.56 6.36
C THR A 39 10.16 -15.31 7.10
N VAL A 40 9.08 -15.45 7.84
CA VAL A 40 8.61 -14.38 8.76
C VAL A 40 9.62 -14.18 9.89
N ALA A 41 10.34 -15.24 10.32
CA ALA A 41 11.42 -15.10 11.34
C ALA A 41 12.50 -14.13 10.84
N GLN A 42 12.94 -14.28 9.60
CA GLN A 42 13.99 -13.40 9.02
C GLN A 42 13.50 -11.96 9.04
N ILE A 43 12.27 -11.74 8.59
CA ILE A 43 11.70 -10.36 8.52
C ILE A 43 11.61 -9.75 9.91
N LYS A 44 11.12 -10.50 10.89
CA LYS A 44 10.92 -9.96 12.26
C LYS A 44 12.29 -9.54 12.81
N ALA A 45 13.30 -10.38 12.64
CA ALA A 45 14.69 -10.05 13.04
C ALA A 45 15.16 -8.77 12.32
N GLY A 46 14.77 -8.60 11.05
CA GLY A 46 15.10 -7.39 10.28
C GLY A 46 14.51 -6.15 10.94
N TYR A 47 13.23 -6.21 11.30
CA TYR A 47 12.51 -5.12 11.99
C TYR A 47 13.23 -4.78 13.30
N GLN A 48 13.66 -5.80 14.05
CA GLN A 48 14.34 -5.62 15.35
C GLN A 48 15.61 -4.81 15.13
N SER A 49 16.35 -5.12 14.06
CA SER A 49 17.60 -4.43 13.68
C SER A 49 17.33 -2.98 13.29
N LEU A 50 16.26 -2.72 12.54
CA LEU A 50 15.89 -1.33 12.12
C LEU A 50 15.52 -0.50 13.36
N LYS A 51 15.04 -1.12 14.44
CA LYS A 51 14.72 -0.34 15.67
C LYS A 51 15.98 0.30 16.24
N LYS A 52 17.10 -0.41 16.23
CA LYS A 52 18.39 0.11 16.76
C LYS A 52 18.87 1.26 15.87
N ILE A 53 18.78 1.06 14.57
CA ILE A 53 19.06 2.14 13.58
C ILE A 53 18.16 3.35 13.87
N GLU A 54 16.86 3.15 14.06
CA GLU A 54 15.92 4.27 14.38
C GLU A 54 16.46 5.05 15.58
N ASP A 55 16.96 4.34 16.59
CA ASP A 55 17.46 4.98 17.84
C ASP A 55 18.66 5.87 17.50
N CYS A 56 19.56 5.40 16.64
CA CYS A 56 20.78 6.14 16.25
C CYS A 56 20.36 7.40 15.48
N ILE A 57 19.44 7.22 14.52
CA ILE A 57 18.90 8.33 13.70
C ILE A 57 18.29 9.36 14.65
N ARG A 58 17.43 8.93 15.56
CA ARG A 58 16.74 9.83 16.52
C ARG A 58 17.80 10.69 17.22
N ALA A 59 18.87 10.07 17.73
CA ALA A 59 19.91 10.74 18.56
C ALA A 59 20.91 11.55 17.73
N GLY A 60 20.90 11.45 16.40
CA GLY A 60 21.92 12.13 15.55
C GLY A 60 23.26 11.42 15.67
N GLN A 61 23.24 10.15 16.11
CA GLN A 61 24.44 9.30 16.27
C GLN A 61 24.71 8.60 14.95
N HIS A 62 25.45 9.23 14.06
CA HIS A 62 25.97 8.59 12.83
C HIS A 62 27.30 7.95 13.23
N GLY A 63 28.30 7.94 12.37
CA GLY A 63 29.61 7.38 12.73
C GLY A 63 29.51 5.89 13.01
N ARG A 64 30.31 5.40 13.94
CA ARG A 64 30.62 3.96 14.05
C ARG A 64 29.44 3.19 14.67
N ALA A 65 28.68 3.77 15.59
CA ALA A 65 27.55 3.05 16.24
C ALA A 65 26.45 2.78 15.19
N LEU A 66 26.25 3.74 14.29
CA LEU A 66 25.24 3.60 13.23
C LEU A 66 25.74 2.54 12.23
N MET A 67 27.02 2.57 11.89
CA MET A 67 27.63 1.61 10.93
C MET A 67 27.50 0.20 11.51
N GLU A 68 27.65 0.05 12.82
CA GLU A 68 27.52 -1.29 13.45
C GLU A 68 26.06 -1.74 13.36
N ALA A 69 25.12 -0.86 13.62
CA ALA A 69 23.69 -1.24 13.62
C ALA A 69 23.26 -1.60 12.18
N CYS A 70 23.74 -0.83 11.20
CA CYS A 70 23.42 -1.07 9.78
C CYS A 70 23.97 -2.44 9.32
N ASN A 71 25.21 -2.78 9.68
CA ASN A 71 25.81 -4.12 9.38
C ASN A 71 24.96 -5.25 9.95
N GLU A 72 24.43 -5.08 11.16
CA GLU A 72 23.57 -6.12 11.75
C GLU A 72 22.33 -6.29 10.86
N PHE A 73 21.72 -5.18 10.44
CA PHE A 73 20.55 -5.20 9.52
C PHE A 73 20.96 -5.90 8.22
N TYR A 74 22.06 -5.48 7.58
CA TYR A 74 22.49 -6.04 6.27
C TYR A 74 22.89 -7.51 6.39
N THR A 75 23.32 -7.94 7.57
CA THR A 75 23.58 -9.37 7.87
C THR A 75 22.26 -10.11 7.97
N ARG A 76 21.27 -9.54 8.64
CA ARG A 76 19.96 -10.20 8.79
C ARG A 76 19.14 -10.11 7.51
N ILE A 77 19.30 -9.04 6.73
CA ILE A 77 18.54 -8.84 5.46
C ILE A 77 19.53 -8.55 4.35
N PRO A 78 20.06 -9.59 3.67
CA PRO A 78 21.19 -9.41 2.76
C PRO A 78 20.89 -8.43 1.61
N HIS A 79 21.82 -7.49 1.39
CA HIS A 79 21.78 -6.43 0.35
C HIS A 79 22.92 -6.67 -0.64
N ASP A 80 22.78 -6.15 -1.85
CA ASP A 80 23.83 -6.24 -2.89
C ASP A 80 24.14 -4.81 -3.33
N PHE A 81 25.22 -4.24 -2.80
CA PHE A 81 25.74 -2.91 -3.23
C PHE A 81 26.98 -3.11 -4.10
N GLY A 82 27.14 -4.30 -4.69
CA GLY A 82 28.30 -4.68 -5.54
C GLY A 82 29.60 -4.41 -4.81
N LEU A 83 30.45 -3.53 -5.33
CA LEU A 83 31.77 -3.28 -4.70
C LEU A 83 31.73 -2.02 -3.82
N ARG A 84 30.55 -1.43 -3.61
CA ARG A 84 30.45 -0.14 -2.88
C ARG A 84 30.38 -0.46 -1.39
N THR A 85 30.92 0.40 -0.56
CA THR A 85 30.68 0.34 0.89
C THR A 85 29.17 0.35 1.15
N PRO A 86 28.65 -0.63 1.90
CA PRO A 86 27.24 -0.61 2.27
C PRO A 86 26.88 0.74 2.91
N PRO A 87 25.89 1.48 2.38
CA PRO A 87 25.55 2.79 2.93
C PRO A 87 24.87 2.73 4.29
N LEU A 88 25.15 3.75 5.09
CA LEU A 88 24.45 3.96 6.38
C LEU A 88 23.00 4.33 6.05
N ILE A 89 22.09 3.86 6.89
CA ILE A 89 20.67 4.27 6.98
C ILE A 89 20.58 5.39 8.02
N ARG A 90 20.46 6.62 7.54
CA ARG A 90 20.83 7.84 8.31
C ARG A 90 19.63 8.78 8.49
N THR A 91 18.70 8.80 7.54
CA THR A 91 17.54 9.72 7.51
C THR A 91 16.25 8.92 7.73
N GLN A 92 15.19 9.59 8.19
CA GLN A 92 13.85 8.97 8.39
C GLN A 92 13.38 8.41 7.05
N LYS A 93 13.66 9.13 5.97
CA LYS A 93 13.32 8.70 4.60
C LYS A 93 14.00 7.37 4.29
N GLU A 94 15.31 7.26 4.52
CA GLU A 94 16.13 6.03 4.34
C GLU A 94 15.55 4.88 5.18
N LEU A 95 15.17 5.17 6.43
CA LEU A 95 14.60 4.15 7.35
C LEU A 95 13.28 3.66 6.74
N SER A 96 12.46 4.57 6.26
CA SER A 96 11.16 4.26 5.63
C SER A 96 11.36 3.28 4.45
N GLU A 97 12.36 3.51 3.60
CA GLU A 97 12.65 2.65 2.43
C GLU A 97 12.93 1.22 2.93
N LYS A 98 13.58 1.08 4.08
CA LYS A 98 13.93 -0.28 4.60
C LYS A 98 12.67 -0.90 5.20
N ILE A 99 11.82 -0.12 5.84
CA ILE A 99 10.50 -0.64 6.33
C ILE A 99 9.70 -1.11 5.12
N GLN A 100 9.62 -0.31 4.04
CA GLN A 100 8.89 -0.68 2.80
C GLN A 100 9.48 -1.97 2.23
N LEU A 101 10.81 -2.13 2.24
CA LEU A 101 11.47 -3.35 1.73
C LEU A 101 10.97 -4.57 2.54
N LEU A 102 10.96 -4.48 3.87
CA LEU A 102 10.49 -5.59 4.73
C LEU A 102 8.98 -5.81 4.51
N GLU A 103 8.20 -4.75 4.28
CA GLU A 103 6.74 -4.88 4.03
C GLU A 103 6.56 -5.64 2.72
N ALA A 104 7.38 -5.35 1.70
CA ALA A 104 7.40 -6.05 0.41
C ALA A 104 7.77 -7.52 0.62
N LEU A 105 8.81 -7.81 1.40
CA LEU A 105 9.23 -9.20 1.66
C LEU A 105 8.09 -9.97 2.35
N GLY A 106 7.35 -9.33 3.27
CA GLY A 106 6.21 -9.96 3.94
C GLY A 106 5.14 -10.40 2.94
N ASP A 107 4.82 -9.56 1.94
CA ASP A 107 3.81 -9.95 0.92
C ASP A 107 4.37 -10.96 -0.07
N ILE A 108 5.66 -10.92 -0.36
CA ILE A 108 6.31 -11.94 -1.23
C ILE A 108 6.34 -13.30 -0.50
N GLU A 109 6.56 -13.29 0.81
CA GLU A 109 6.56 -14.56 1.61
C GLU A 109 5.19 -15.23 1.43
N ILE A 110 4.13 -14.43 1.51
CA ILE A 110 2.72 -14.91 1.29
C ILE A 110 2.58 -15.45 -0.15
N ALA A 111 3.06 -14.68 -1.14
CA ALA A 111 2.98 -15.05 -2.57
C ALA A 111 3.67 -16.40 -2.84
N ILE A 112 4.88 -16.59 -2.37
CA ILE A 112 5.67 -17.84 -2.63
C ILE A 112 4.90 -19.07 -2.12
N LYS A 113 4.24 -18.97 -0.97
CA LYS A 113 3.38 -20.07 -0.45
C LYS A 113 2.20 -20.28 -1.38
N LEU A 114 1.60 -19.21 -1.90
CA LEU A 114 0.33 -19.29 -2.66
C LEU A 114 0.56 -19.75 -4.11
N VAL A 115 1.67 -19.38 -4.73
CA VAL A 115 1.89 -19.63 -6.18
C VAL A 115 2.54 -21.00 -6.33
N LYS A 116 1.95 -22.01 -5.69
CA LYS A 116 2.36 -23.44 -5.70
C LYS A 116 1.33 -24.25 -6.47
N THR A 117 1.77 -25.25 -7.22
CA THR A 117 0.90 -26.19 -7.97
C THR A 117 0.71 -27.45 -7.09
N GLU A 118 -0.45 -28.08 -7.19
CA GLU A 118 -0.67 -29.47 -6.72
C GLU A 118 -0.74 -30.37 -7.95
N LEU A 119 0.01 -31.48 -7.92
CA LEU A 119 0.01 -32.54 -8.96
C LEU A 119 -1.43 -33.02 -9.20
N GLN A 120 -2.16 -33.31 -8.11
CA GLN A 120 -3.51 -33.94 -8.12
C GLN A 120 -4.55 -32.98 -8.71
N SER A 121 -4.34 -31.67 -8.60
CA SER A 121 -5.28 -30.62 -9.09
C SER A 121 -5.47 -30.78 -10.60
N PRO A 122 -6.71 -30.92 -11.11
CA PRO A 122 -6.97 -30.95 -12.56
C PRO A 122 -6.92 -29.55 -13.20
N GLU A 123 -6.66 -28.51 -12.40
CA GLU A 123 -6.62 -27.08 -12.86
C GLU A 123 -5.25 -26.76 -13.46
N HIS A 124 -5.23 -25.97 -14.53
CA HIS A 124 -4.06 -25.17 -14.96
C HIS A 124 -3.52 -24.43 -13.73
N PRO A 125 -2.20 -24.30 -13.57
CA PRO A 125 -1.64 -23.61 -12.41
C PRO A 125 -2.19 -22.19 -12.22
N LEU A 126 -2.41 -21.46 -13.30
CA LEU A 126 -2.94 -20.06 -13.25
C LEU A 126 -4.26 -20.04 -12.47
N ASP A 127 -5.11 -21.02 -12.78
CA ASP A 127 -6.43 -21.25 -12.15
C ASP A 127 -6.21 -21.56 -10.65
N GLN A 128 -5.26 -22.43 -10.32
CA GLN A 128 -4.98 -22.76 -8.89
C GLN A 128 -4.56 -21.47 -8.17
N HIS A 129 -3.71 -20.65 -8.79
CA HIS A 129 -3.18 -19.40 -8.16
C HIS A 129 -4.38 -18.50 -7.80
N TYR A 130 -5.28 -18.30 -8.74
CA TYR A 130 -6.50 -17.48 -8.56
C TYR A 130 -7.37 -18.07 -7.43
N ARG A 131 -7.62 -19.37 -7.44
CA ARG A 131 -8.46 -20.00 -6.39
C ARG A 131 -7.80 -19.73 -5.03
N ASN A 132 -6.47 -19.78 -4.97
CA ASN A 132 -5.75 -19.71 -3.69
C ASN A 132 -5.80 -18.29 -3.12
N LEU A 133 -6.18 -17.29 -3.94
CA LEU A 133 -6.33 -15.89 -3.45
C LEU A 133 -7.52 -15.78 -2.51
N HIS A 134 -8.55 -16.62 -2.65
CA HIS A 134 -9.82 -16.49 -1.92
C HIS A 134 -10.34 -15.06 -2.07
N CYS A 135 -10.34 -14.55 -3.32
CA CYS A 135 -10.69 -13.16 -3.68
C CYS A 135 -11.21 -13.16 -5.12
N ALA A 136 -12.51 -12.92 -5.29
CA ALA A 136 -13.15 -12.81 -6.62
C ALA A 136 -12.67 -11.50 -7.23
N LEU A 137 -12.32 -11.57 -8.50
CA LEU A 137 -11.98 -10.39 -9.33
C LEU A 137 -12.83 -10.48 -10.58
N ARG A 138 -13.72 -9.50 -10.79
CA ARG A 138 -14.66 -9.55 -11.95
C ARG A 138 -14.42 -8.32 -12.82
N PRO A 139 -14.16 -8.54 -14.12
CA PRO A 139 -13.90 -7.45 -15.04
C PRO A 139 -15.19 -6.62 -15.21
N LEU A 140 -15.07 -5.30 -15.28
CA LEU A 140 -16.25 -4.41 -15.42
C LEU A 140 -16.26 -3.81 -16.83
N ASP A 141 -17.46 -3.52 -17.32
CA ASP A 141 -17.72 -2.88 -18.62
C ASP A 141 -17.19 -1.45 -18.62
N HIS A 142 -16.36 -1.12 -19.60
CA HIS A 142 -15.77 0.24 -19.74
C HIS A 142 -16.84 1.27 -20.12
N GLU A 143 -18.04 0.83 -20.51
CA GLU A 143 -19.18 1.73 -20.79
C GLU A 143 -20.08 1.79 -19.56
N SER A 144 -19.71 1.15 -18.45
CA SER A 144 -20.56 1.11 -17.23
C SER A 144 -20.49 2.45 -16.49
N TYR A 145 -21.48 2.69 -15.62
CA TYR A 145 -21.55 3.89 -14.76
C TYR A 145 -20.36 3.86 -13.80
N GLU A 146 -20.12 2.70 -13.19
CA GLU A 146 -18.99 2.51 -12.26
C GLU A 146 -17.66 2.91 -12.91
N PHE A 147 -17.39 2.41 -14.12
CA PHE A 147 -16.12 2.72 -14.81
C PHE A 147 -16.00 4.24 -15.00
N LYS A 148 -17.13 4.88 -15.36
CA LYS A 148 -17.15 6.34 -15.61
C LYS A 148 -16.85 7.06 -14.29
N VAL A 149 -17.50 6.67 -13.20
CA VAL A 149 -17.27 7.40 -11.91
C VAL A 149 -15.81 7.17 -11.49
N ILE A 150 -15.32 5.95 -11.68
CA ILE A 150 -13.95 5.62 -11.21
C ILE A 150 -12.92 6.30 -12.10
N SER A 151 -13.16 6.42 -13.42
CA SER A 151 -12.28 7.16 -14.35
C SER A 151 -12.18 8.60 -13.89
N GLN A 152 -13.32 9.20 -13.57
CA GLN A 152 -13.39 10.61 -13.13
C GLN A 152 -12.67 10.80 -11.81
N TYR A 153 -12.86 9.88 -10.85
CA TYR A 153 -12.21 9.96 -9.53
C TYR A 153 -10.69 9.89 -9.75
N LEU A 154 -10.25 9.00 -10.64
CA LEU A 154 -8.81 8.82 -10.95
C LEU A 154 -8.23 10.13 -11.50
N GLN A 155 -8.88 10.72 -12.50
CA GLN A 155 -8.38 11.92 -13.21
C GLN A 155 -8.58 13.19 -12.37
N SER A 156 -9.73 13.36 -11.76
CA SER A 156 -10.10 14.63 -11.07
C SER A 156 -9.32 14.78 -9.77
N THR A 157 -8.85 13.67 -9.19
CA THR A 157 -8.06 13.71 -7.93
C THR A 157 -6.58 13.39 -8.18
N HIS A 158 -6.08 13.52 -9.42
CA HIS A 158 -4.63 13.58 -9.69
C HIS A 158 -4.12 14.93 -9.20
N ALA A 159 -3.18 14.95 -8.24
CA ALA A 159 -2.77 16.18 -7.53
C ALA A 159 -1.88 17.03 -8.43
N PRO A 160 -1.88 18.37 -8.25
CA PRO A 160 -1.04 19.27 -9.05
C PRO A 160 0.47 19.12 -8.78
N THR A 161 0.83 18.62 -7.59
CA THR A 161 2.25 18.43 -7.17
C THR A 161 2.79 17.08 -7.65
N HIS A 162 2.01 16.27 -8.37
CA HIS A 162 2.42 14.94 -8.88
C HIS A 162 2.40 14.98 -10.41
N SER A 163 3.05 16.00 -10.98
CA SER A 163 2.96 16.36 -12.41
C SER A 163 3.97 15.56 -13.23
N ASP A 164 4.73 14.65 -12.61
CA ASP A 164 5.74 13.82 -13.35
C ASP A 164 5.08 12.68 -14.15
N TYR A 165 3.79 12.39 -13.94
CA TYR A 165 3.07 11.36 -14.74
C TYR A 165 1.59 11.72 -14.82
N THR A 166 0.93 11.15 -15.82
CA THR A 166 -0.53 10.94 -15.85
C THR A 166 -0.80 9.42 -15.80
N MET A 167 -2.07 9.09 -15.60
CA MET A 167 -2.54 7.70 -15.48
C MET A 167 -3.61 7.44 -16.53
N THR A 168 -3.51 6.31 -17.21
CA THR A 168 -4.55 5.84 -18.16
C THR A 168 -5.14 4.57 -17.56
N LEU A 169 -6.47 4.51 -17.44
CA LEU A 169 -7.12 3.30 -16.89
C LEU A 169 -7.20 2.22 -17.98
N LEU A 170 -6.37 1.17 -17.88
CA LEU A 170 -6.34 0.05 -18.83
C LEU A 170 -7.54 -0.86 -18.59
N ASP A 171 -7.88 -1.15 -17.32
CA ASP A 171 -8.99 -2.09 -16.99
C ASP A 171 -9.39 -1.92 -15.53
N LEU A 172 -10.54 -2.47 -15.21
CA LEU A 172 -11.18 -2.30 -13.91
C LEU A 172 -11.81 -3.63 -13.52
N PHE A 173 -11.55 -4.05 -12.30
CA PHE A 173 -12.14 -5.26 -11.69
C PHE A 173 -12.87 -4.87 -10.41
N GLU A 174 -14.00 -5.53 -10.22
CA GLU A 174 -14.70 -5.61 -8.93
C GLU A 174 -13.94 -6.60 -8.06
N VAL A 175 -13.73 -6.26 -6.79
CA VAL A 175 -13.01 -7.10 -5.81
C VAL A 175 -14.03 -7.60 -4.79
N GLU A 176 -14.02 -8.88 -4.51
CA GLU A 176 -14.81 -9.42 -3.37
C GLU A 176 -13.91 -10.43 -2.65
N LYS A 177 -13.19 -9.98 -1.63
CA LYS A 177 -12.32 -10.82 -0.77
CA LYS A 177 -12.32 -10.85 -0.79
C LYS A 177 -13.24 -11.67 0.13
N ASP A 178 -13.07 -13.00 0.11
CA ASP A 178 -13.92 -13.93 0.92
C ASP A 178 -13.88 -13.48 2.37
N GLY A 179 -15.02 -13.29 3.02
CA GLY A 179 -15.11 -13.01 4.47
C GLY A 179 -15.16 -11.51 4.77
N GLU A 180 -14.77 -10.66 3.82
CA GLU A 180 -14.57 -9.22 4.08
C GLU A 180 -15.93 -8.52 4.31
N LYS A 181 -16.95 -8.85 3.52
CA LYS A 181 -18.34 -8.39 3.75
C LYS A 181 -18.79 -8.76 5.16
N GLU A 182 -18.62 -10.01 5.55
CA GLU A 182 -19.20 -10.54 6.81
C GLU A 182 -18.59 -9.79 7.99
N ALA A 183 -17.31 -9.47 7.90
CA ALA A 183 -16.51 -8.81 8.96
C ALA A 183 -16.81 -7.30 9.01
N PHE A 184 -17.20 -6.68 7.91
CA PHE A 184 -17.15 -5.20 7.76
C PHE A 184 -18.11 -4.51 8.75
N ARG A 185 -17.68 -3.37 9.29
CA ARG A 185 -18.53 -2.49 10.14
C ARG A 185 -19.49 -1.67 9.25
N GLU A 186 -20.51 -2.34 8.72
CA GLU A 186 -21.59 -1.76 7.89
C GLU A 186 -22.29 -0.63 8.65
N ASP A 187 -22.44 -0.77 9.96
CA ASP A 187 -23.11 0.18 10.89
C ASP A 187 -22.44 1.55 10.90
N LEU A 188 -21.11 1.62 10.74
CA LEU A 188 -20.37 2.88 10.97
C LEU A 188 -20.74 3.88 9.89
N HIS A 189 -20.98 5.12 10.30
CA HIS A 189 -21.24 6.29 9.40
C HIS A 189 -19.92 6.68 8.73
N ASN A 190 -20.01 7.58 7.76
CA ASN A 190 -18.85 8.20 7.10
C ASN A 190 -18.08 7.14 6.31
N ARG A 191 -18.77 6.37 5.50
CA ARG A 191 -18.17 5.33 4.63
C ARG A 191 -17.72 6.03 3.35
N MET A 192 -16.43 6.02 3.08
CA MET A 192 -15.87 6.72 1.89
C MET A 192 -15.16 5.70 1.00
N LEU A 193 -15.27 5.86 -0.30
CA LEU A 193 -14.47 5.05 -1.27
C LEU A 193 -13.12 5.71 -1.46
N LEU A 194 -12.05 5.11 -0.93
CA LEU A 194 -10.71 5.75 -0.86
C LEU A 194 -9.64 4.90 -1.54
N TRP A 195 -8.55 5.56 -1.94
CA TRP A 195 -7.40 5.01 -2.69
C TRP A 195 -6.39 4.35 -1.75
N HIS A 196 -5.74 3.33 -2.28
CA HIS A 196 -4.50 2.74 -1.73
C HIS A 196 -3.62 2.25 -2.87
N GLY A 197 -2.34 2.57 -2.80
CA GLY A 197 -1.32 2.14 -3.77
C GLY A 197 -0.32 1.23 -3.13
N SER A 198 0.26 0.31 -3.90
CA SER A 198 1.29 -0.61 -3.37
C SER A 198 2.15 -1.05 -4.53
N ARG A 199 3.36 -1.52 -4.24
CA ARG A 199 4.28 -2.07 -5.24
C ARG A 199 3.67 -3.34 -5.84
N MET A 200 4.08 -3.69 -7.05
CA MET A 200 3.51 -4.79 -7.85
C MET A 200 3.71 -6.15 -7.13
N SER A 201 4.73 -6.23 -6.26
CA SER A 201 5.09 -7.47 -5.53
C SER A 201 4.06 -7.77 -4.44
N ASN A 202 3.24 -6.80 -4.08
CA ASN A 202 2.46 -6.85 -2.82
C ASN A 202 1.03 -7.32 -3.06
N TRP A 203 0.53 -7.33 -4.30
CA TRP A 203 -0.92 -7.52 -4.57
C TRP A 203 -1.39 -8.95 -4.22
N VAL A 204 -0.60 -9.99 -4.45
CA VAL A 204 -0.98 -11.35 -4.00
C VAL A 204 -1.23 -11.31 -2.49
N GLY A 205 -0.33 -10.71 -1.73
CA GLY A 205 -0.53 -10.59 -0.27
C GLY A 205 -1.78 -9.80 0.07
N ILE A 206 -1.96 -8.65 -0.56
CA ILE A 206 -3.08 -7.73 -0.22
C ILE A 206 -4.40 -8.40 -0.60
N LEU A 207 -4.47 -9.08 -1.74
CA LEU A 207 -5.78 -9.62 -2.20
C LEU A 207 -6.15 -10.87 -1.40
N SER A 208 -5.18 -11.70 -1.02
CA SER A 208 -5.42 -12.98 -0.31
C SER A 208 -5.58 -12.75 1.19
N HIS A 209 -4.92 -11.74 1.77
CA HIS A 209 -4.91 -11.51 3.26
C HIS A 209 -5.55 -10.18 3.63
N GLY A 210 -5.92 -9.37 2.64
CA GLY A 210 -6.45 -8.03 2.90
C GLY A 210 -5.35 -7.04 3.27
N LEU A 211 -5.71 -5.76 3.34
CA LEU A 211 -4.80 -4.70 3.84
C LEU A 211 -4.61 -4.96 5.34
N ARG A 212 -3.37 -4.88 5.79
CA ARG A 212 -3.00 -5.24 7.18
C ARG A 212 -2.25 -4.08 7.86
N ILE A 213 -2.31 -4.02 9.18
CA ILE A 213 -1.53 -3.00 9.95
C ILE A 213 -0.08 -3.47 9.95
N ALA A 214 0.87 -2.55 10.11
CA ALA A 214 2.33 -2.81 10.16
C ALA A 214 2.65 -3.90 11.20
N HIS A 215 3.76 -4.64 10.98
CA HIS A 215 4.30 -5.63 11.94
C HIS A 215 4.50 -4.97 13.30
N PRO A 216 4.21 -5.67 14.42
CA PRO A 216 4.44 -5.09 15.75
C PRO A 216 5.90 -4.68 16.01
N GLU A 217 6.89 -5.28 15.36
CA GLU A 217 8.34 -5.00 15.59
C GLU A 217 8.83 -3.85 14.71
N ALA A 218 8.02 -3.38 13.77
CA ALA A 218 8.41 -2.28 12.86
C ALA A 218 8.60 -1.02 13.69
N PRO A 219 9.63 -0.20 13.40
CA PRO A 219 9.88 1.02 14.14
C PRO A 219 8.66 1.95 14.06
N ILE A 220 8.18 2.41 15.20
CA ILE A 220 6.92 3.20 15.30
C ILE A 220 7.07 4.48 14.46
N THR A 221 8.27 5.07 14.31
CA THR A 221 8.42 6.36 13.57
C THR A 221 8.31 6.15 12.05
N GLY A 222 8.24 4.92 11.54
CA GLY A 222 7.94 4.65 10.12
C GLY A 222 6.52 5.04 9.74
N TYR A 223 5.67 5.36 10.72
CA TYR A 223 4.20 5.47 10.53
C TYR A 223 3.72 6.82 11.05
N MET A 224 3.43 7.72 10.12
CA MET A 224 3.09 9.14 10.41
C MET A 224 1.96 9.23 11.43
N PHE A 225 1.00 8.32 11.38
CA PHE A 225 -0.15 8.31 12.33
C PHE A 225 -0.33 6.93 12.98
N GLY A 226 0.77 6.18 13.16
CA GLY A 226 0.75 4.88 13.85
C GLY A 226 0.44 3.72 12.90
N LYS A 227 0.24 2.53 13.47
CA LYS A 227 0.14 1.25 12.75
C LYS A 227 -1.33 0.97 12.47
N GLY A 228 -1.81 1.60 11.40
CA GLY A 228 -3.17 1.46 10.86
C GLY A 228 -3.09 1.22 9.37
N ILE A 229 -4.21 1.25 8.68
CA ILE A 229 -4.28 1.11 7.20
C ILE A 229 -4.53 2.50 6.61
N TYR A 230 -3.67 2.89 5.67
CA TYR A 230 -3.55 4.27 5.17
C TYR A 230 -4.25 4.38 3.82
N PHE A 231 -5.03 5.43 3.61
CA PHE A 231 -5.79 5.72 2.37
C PHE A 231 -5.66 7.20 2.02
N ALA A 232 -5.80 7.51 0.73
CA ALA A 232 -5.88 8.89 0.20
C ALA A 232 -7.24 9.16 -0.46
N ASP A 233 -7.61 10.44 -0.54
CA ASP A 233 -8.74 10.88 -1.40
C ASP A 233 -8.19 11.48 -2.70
N MET A 234 -6.87 11.52 -2.86
CA MET A 234 -6.20 11.95 -4.11
C MET A 234 -5.51 10.74 -4.75
N SER A 235 -5.97 10.34 -5.93
CA SER A 235 -5.51 9.12 -6.65
C SER A 235 -3.96 9.07 -6.70
N SER A 236 -3.32 10.20 -7.02
CA SER A 236 -1.86 10.30 -7.29
C SER A 236 -1.06 10.19 -5.98
N LYS A 237 -1.61 10.68 -4.85
CA LYS A 237 -0.96 10.47 -3.54
C LYS A 237 -0.81 8.95 -3.31
N SER A 238 -1.84 8.17 -3.62
CA SER A 238 -1.83 6.69 -3.51
C SER A 238 -0.97 6.07 -4.62
N ALA A 239 -1.08 6.54 -5.85
CA ALA A 239 -0.36 5.96 -7.00
C ALA A 239 1.16 6.17 -6.85
N ASN A 240 1.62 7.18 -6.11
CA ASN A 240 3.06 7.32 -5.82
C ASN A 240 3.56 6.08 -5.07
N TYR A 241 2.71 5.40 -4.29
CA TYR A 241 3.12 4.17 -3.54
C TYR A 241 3.14 2.95 -4.43
N CYS A 242 2.75 3.08 -5.70
CA CYS A 242 2.92 1.97 -6.68
C CYS A 242 4.40 1.84 -7.03
N PHE A 243 5.18 2.93 -6.91
CA PHE A 243 6.59 3.00 -7.38
C PHE A 243 6.71 2.43 -8.79
N ALA A 244 5.81 2.83 -9.69
CA ALA A 244 5.98 2.54 -11.13
C ALA A 244 7.11 3.41 -11.67
N SER A 245 7.58 3.12 -12.89
CA SER A 245 8.67 3.86 -13.54
C SER A 245 8.46 3.74 -15.06
N ARG A 246 9.33 4.42 -15.82
CA ARG A 246 9.29 4.40 -17.30
C ARG A 246 9.34 2.94 -17.75
N LEU A 247 10.22 2.13 -17.16
CA LEU A 247 10.44 0.74 -17.66
C LEU A 247 9.31 -0.17 -17.16
N LYS A 248 8.86 -0.02 -15.91
CA LYS A 248 7.75 -0.83 -15.34
C LYS A 248 6.56 0.12 -15.12
N ASN A 249 5.86 0.50 -16.19
CA ASN A 249 4.86 1.61 -16.13
C ASN A 249 3.41 1.09 -15.98
N THR A 250 3.21 -0.22 -15.78
CA THR A 250 1.89 -0.78 -15.36
C THR A 250 1.91 -1.00 -13.86
N GLY A 251 0.97 -0.37 -13.14
CA GLY A 251 0.72 -0.59 -11.71
C GLY A 251 -0.75 -0.81 -11.43
N LEU A 252 -1.09 -1.13 -10.20
CA LEU A 252 -2.50 -1.31 -9.79
C LEU A 252 -2.80 -0.26 -8.72
N LEU A 253 -4.04 0.23 -8.74
CA LEU A 253 -4.63 1.06 -7.66
C LEU A 253 -5.87 0.34 -7.11
N LEU A 254 -6.03 0.39 -5.80
CA LEU A 254 -7.17 -0.25 -5.10
C LEU A 254 -8.12 0.82 -4.61
N LEU A 255 -9.42 0.63 -4.86
CA LEU A 255 -10.49 1.38 -4.16
C LEU A 255 -11.14 0.46 -3.12
N SER A 256 -11.25 0.95 -1.90
CA SER A 256 -11.89 0.23 -0.78
C SER A 256 -12.94 1.13 -0.15
N GLU A 257 -13.98 0.52 0.40
CA GLU A 257 -14.94 1.21 1.29
C GLU A 257 -14.30 1.24 2.67
N VAL A 258 -14.13 2.44 3.22
CA VAL A 258 -13.46 2.65 4.52
C VAL A 258 -14.50 3.23 5.46
N ALA A 259 -14.82 2.52 6.53
CA ALA A 259 -15.81 2.96 7.53
C ALA A 259 -15.05 3.86 8.51
N LEU A 260 -14.97 5.15 8.21
CA LEU A 260 -14.16 6.14 8.97
C LEU A 260 -14.81 6.47 10.31
N GLY A 261 -16.14 6.40 10.39
CA GLY A 261 -16.93 6.88 11.54
C GLY A 261 -16.58 8.32 11.86
N GLN A 262 -16.32 8.60 13.13
CA GLN A 262 -15.74 9.88 13.61
C GLN A 262 -14.23 9.90 13.40
N CYS A 263 -13.72 10.86 12.63
CA CYS A 263 -12.26 11.07 12.47
C CYS A 263 -11.74 11.94 13.62
N ASN A 264 -10.68 11.49 14.27
CA ASN A 264 -9.73 12.37 14.99
C ASN A 264 -8.89 13.09 13.94
N GLU A 265 -9.13 14.39 13.78
CA GLU A 265 -8.45 15.22 12.75
C GLU A 265 -7.14 15.76 13.33
N LEU A 266 -6.01 15.48 12.67
CA LEU A 266 -4.68 15.92 13.13
C LEU A 266 -3.98 16.74 12.03
N LEU A 267 -3.15 17.68 12.46
CA LEU A 267 -2.50 18.68 11.56
C LEU A 267 -1.05 18.28 11.30
N GLU A 268 -0.47 17.47 12.18
CA GLU A 268 0.96 17.10 12.09
C GLU A 268 1.14 15.63 12.51
N ALA A 269 2.14 14.98 11.91
CA ALA A 269 2.57 13.61 12.23
C ALA A 269 2.45 13.35 13.74
N ASN A 270 1.93 12.19 14.12
CA ASN A 270 1.99 11.68 15.51
C ASN A 270 1.95 10.16 15.47
N PRO A 271 3.11 9.49 15.46
CA PRO A 271 3.16 8.02 15.46
C PRO A 271 2.36 7.35 16.58
N LYS A 272 1.97 8.07 17.64
CA LYS A 272 1.13 7.51 18.73
C LYS A 272 -0.36 7.90 18.55
N ALA A 273 -0.75 8.40 17.39
CA ALA A 273 -2.12 8.90 17.10
C ALA A 273 -3.17 7.84 17.44
N GLU A 274 -2.83 6.56 17.39
CA GLU A 274 -3.83 5.51 17.68
C GLU A 274 -4.35 5.69 19.10
N GLY A 275 -3.48 6.02 20.04
CA GLY A 275 -3.84 6.21 21.46
C GLY A 275 -4.75 7.41 21.66
N LEU A 276 -4.61 8.43 20.82
CA LEU A 276 -5.41 9.69 20.89
C LEU A 276 -6.85 9.51 20.38
N LEU A 277 -7.26 8.34 19.86
CA LEU A 277 -8.62 8.17 19.26
C LEU A 277 -9.71 8.48 20.29
N GLN A 278 -9.73 7.71 21.39
CA GLN A 278 -10.62 7.92 22.57
C GLN A 278 -12.09 7.96 22.18
N GLY A 279 -12.59 6.90 21.54
CA GLY A 279 -14.00 6.79 21.15
C GLY A 279 -14.17 7.02 19.65
N LYS A 280 -13.23 7.74 19.01
CA LYS A 280 -13.25 7.98 17.54
C LYS A 280 -12.77 6.74 16.80
N HIS A 281 -13.10 6.65 15.52
CA HIS A 281 -12.97 5.40 14.75
C HIS A 281 -11.81 5.47 13.76
N SER A 282 -11.23 6.64 13.53
CA SER A 282 -10.19 6.80 12.49
C SER A 282 -9.39 8.06 12.77
N THR A 283 -8.22 8.15 12.18
CA THR A 283 -7.41 9.39 12.19
C THR A 283 -7.52 10.00 10.80
N LYS A 284 -7.70 11.31 10.73
CA LYS A 284 -7.60 12.03 9.45
C LYS A 284 -6.49 13.05 9.56
N GLY A 285 -5.42 12.84 8.79
CA GLY A 285 -4.36 13.85 8.60
C GLY A 285 -4.86 14.89 7.61
N LEU A 286 -5.07 16.13 8.07
CA LEU A 286 -5.68 17.23 7.27
C LEU A 286 -4.65 17.73 6.25
N GLY A 287 -5.02 17.78 4.97
CA GLY A 287 -4.21 18.43 3.92
C GLY A 287 -4.63 19.87 3.64
N LYS A 288 -3.72 20.65 3.05
CA LYS A 288 -3.96 21.99 2.44
C LYS A 288 -4.97 21.91 1.30
N MET A 289 -5.01 20.80 0.58
CA MET A 289 -5.83 20.63 -0.65
C MET A 289 -6.69 19.36 -0.53
N ALA A 290 -7.94 19.42 -0.99
CA ALA A 290 -8.87 18.27 -0.93
C ALA A 290 -10.05 18.51 -1.84
N PRO A 291 -10.67 17.44 -2.37
CA PRO A 291 -11.97 17.51 -3.03
C PRO A 291 -13.00 18.21 -2.14
N SER A 292 -13.93 18.96 -2.72
CA SER A 292 -14.97 19.68 -1.90
C SER A 292 -16.28 18.92 -1.98
N SER A 293 -17.06 18.93 -0.89
CA SER A 293 -18.28 18.10 -0.71
C SER A 293 -19.29 18.43 -1.80
N ALA A 294 -19.25 19.64 -2.38
CA ALA A 294 -20.16 20.04 -3.48
C ALA A 294 -20.02 19.07 -4.66
N HIS A 295 -18.87 18.41 -4.87
CA HIS A 295 -18.65 17.48 -6.00
C HIS A 295 -18.78 15.99 -5.59
N PHE A 296 -19.15 15.67 -4.36
CA PHE A 296 -19.32 14.27 -3.90
C PHE A 296 -20.46 13.57 -4.64
N VAL A 297 -20.24 12.31 -5.00
CA VAL A 297 -21.28 11.38 -5.50
C VAL A 297 -21.15 10.09 -4.69
N THR A 298 -22.03 9.14 -4.96
CA THR A 298 -22.03 7.85 -4.24
C THR A 298 -21.79 6.76 -5.27
N LEU A 299 -21.23 5.65 -4.80
CA LEU A 299 -21.16 4.36 -5.54
C LEU A 299 -21.44 3.24 -4.54
N ASN A 300 -22.50 2.47 -4.75
CA ASN A 300 -22.97 1.40 -3.82
C ASN A 300 -23.15 1.98 -2.43
N GLY A 301 -23.59 3.23 -2.33
CA GLY A 301 -23.83 3.93 -1.05
C GLY A 301 -22.55 4.22 -0.27
N SER A 302 -21.39 4.31 -0.93
CA SER A 302 -20.17 4.94 -0.38
C SER A 302 -19.93 6.31 -1.04
N THR A 303 -19.45 7.29 -0.28
CA THR A 303 -19.14 8.64 -0.79
C THR A 303 -17.87 8.59 -1.62
N VAL A 304 -17.92 9.09 -2.84
CA VAL A 304 -16.76 9.28 -3.75
C VAL A 304 -16.41 10.77 -3.80
N PRO A 305 -15.26 11.17 -3.22
CA PRO A 305 -14.85 12.56 -3.19
C PRO A 305 -14.16 12.97 -4.50
N LEU A 306 -14.95 13.05 -5.56
CA LEU A 306 -14.54 13.56 -6.90
C LEU A 306 -13.87 14.93 -6.75
N GLY A 307 -12.82 15.17 -7.52
CA GLY A 307 -12.14 16.48 -7.56
C GLY A 307 -12.89 17.44 -8.48
N PRO A 308 -12.26 18.57 -8.86
CA PRO A 308 -10.89 18.87 -8.48
C PRO A 308 -10.74 19.23 -7.01
N ALA A 309 -9.54 19.05 -6.48
CA ALA A 309 -9.14 19.42 -5.11
C ALA A 309 -8.98 20.94 -5.06
N SER A 310 -9.26 21.56 -3.93
CA SER A 310 -9.07 23.01 -3.75
C SER A 310 -8.55 23.27 -2.34
N ASP A 311 -8.17 24.51 -2.08
CA ASP A 311 -7.50 24.87 -0.80
C ASP A 311 -8.53 24.68 0.30
N THR A 312 -8.13 24.01 1.37
CA THR A 312 -8.95 23.73 2.57
C THR A 312 -8.76 24.87 3.57
N GLY A 313 -7.74 25.72 3.34
CA GLY A 313 -7.36 26.84 4.22
C GLY A 313 -6.79 26.37 5.55
N ILE A 314 -6.70 25.05 5.76
CA ILE A 314 -6.03 24.40 6.93
C ILE A 314 -4.53 24.66 6.78
N LEU A 315 -3.89 25.12 7.86
CA LEU A 315 -2.42 25.33 7.98
C LEU A 315 -1.98 24.79 9.35
N ASN A 316 -0.85 24.08 9.42
CA ASN A 316 -0.22 23.72 10.71
C ASN A 316 0.63 24.91 11.17
N PRO A 317 0.18 25.69 12.18
CA PRO A 317 0.87 26.92 12.58
C PRO A 317 2.30 26.69 13.10
N ASP A 318 2.64 25.46 13.51
CA ASP A 318 3.93 25.11 14.15
C ASP A 318 4.42 23.77 13.62
N GLY A 319 4.65 23.70 12.30
CA GLY A 319 5.06 22.47 11.59
C GLY A 319 4.76 22.51 10.10
N TYR A 320 5.15 21.47 9.37
CA TYR A 320 4.76 21.24 7.95
C TYR A 320 3.28 20.84 7.94
N THR A 321 2.51 21.45 7.04
CA THR A 321 1.12 21.05 6.72
C THR A 321 1.15 19.99 5.60
N LEU A 322 0.46 18.87 5.78
CA LEU A 322 0.26 17.88 4.69
C LEU A 322 -0.30 18.61 3.46
N ASN A 323 0.20 18.28 2.27
CA ASN A 323 -0.40 18.82 1.03
C ASN A 323 -1.81 18.24 0.86
N TYR A 324 -1.99 16.96 1.22
CA TYR A 324 -3.23 16.21 0.93
C TYR A 324 -3.63 15.41 2.15
N ASN A 325 -4.93 15.21 2.30
CA ASN A 325 -5.54 14.37 3.35
C ASN A 325 -4.89 12.98 3.37
N GLU A 326 -4.96 12.34 4.53
CA GLU A 326 -4.82 10.88 4.61
C GLU A 326 -5.67 10.39 5.76
N TYR A 327 -6.15 9.16 5.57
CA TYR A 327 -7.15 8.48 6.42
C TYR A 327 -6.53 7.19 6.93
N ILE A 328 -6.62 6.97 8.23
CA ILE A 328 -6.03 5.78 8.89
C ILE A 328 -7.12 5.14 9.75
N VAL A 329 -7.44 3.90 9.45
CA VAL A 329 -8.25 3.04 10.36
C VAL A 329 -7.32 1.98 10.93
N TYR A 330 -7.57 1.52 12.15
CA TYR A 330 -6.61 0.68 12.91
C TYR A 330 -7.16 -0.74 12.99
N ASN A 331 -8.29 -1.03 12.34
CA ASN A 331 -8.95 -2.36 12.32
C ASN A 331 -9.31 -2.70 10.88
N PRO A 332 -8.88 -3.85 10.34
CA PRO A 332 -9.30 -4.28 9.00
C PRO A 332 -10.82 -4.48 8.82
N ASN A 333 -11.58 -4.60 9.92
CA ASN A 333 -13.06 -4.72 9.82
C ASN A 333 -13.68 -3.37 9.42
N GLN A 334 -12.89 -2.30 9.30
CA GLN A 334 -13.36 -1.00 8.76
C GLN A 334 -13.00 -0.84 7.27
N VAL A 335 -12.54 -1.90 6.63
CA VAL A 335 -12.14 -1.87 5.20
C VAL A 335 -12.91 -2.95 4.45
N ARG A 336 -13.43 -2.59 3.30
CA ARG A 336 -13.94 -3.57 2.32
C ARG A 336 -13.37 -3.25 0.93
N MET A 337 -12.44 -4.05 0.47
CA MET A 337 -11.85 -3.83 -0.88
C MET A 337 -12.96 -3.99 -1.92
N ARG A 338 -12.95 -3.17 -2.98
CA ARG A 338 -14.15 -3.03 -3.84
C ARG A 338 -13.77 -2.96 -5.32
N TYR A 339 -12.73 -2.21 -5.66
CA TYR A 339 -12.30 -2.11 -7.07
C TYR A 339 -10.78 -2.17 -7.15
N LEU A 340 -10.31 -2.74 -8.26
CA LEU A 340 -8.89 -2.84 -8.61
C LEU A 340 -8.72 -2.29 -10.03
N LEU A 341 -7.92 -1.23 -10.14
CA LEU A 341 -7.62 -0.50 -11.39
C LEU A 341 -6.26 -0.96 -11.89
N LYS A 342 -6.22 -1.35 -13.16
CA LYS A 342 -4.97 -1.61 -13.89
C LYS A 342 -4.64 -0.32 -14.62
N VAL A 343 -3.54 0.32 -14.21
CA VAL A 343 -3.20 1.73 -14.56
C VAL A 343 -1.91 1.74 -15.36
N GLN A 344 -1.93 2.40 -16.52
CA GLN A 344 -0.73 2.76 -17.32
C GLN A 344 -0.25 4.13 -16.89
N PHE A 345 0.97 4.20 -16.36
CA PHE A 345 1.63 5.45 -15.92
C PHE A 345 2.32 6.06 -17.15
N ASN A 346 1.94 7.29 -17.50
CA ASN A 346 2.53 8.03 -18.65
C ASN A 346 3.55 9.02 -18.09
N PHE A 347 4.84 8.65 -18.18
CA PHE A 347 5.99 9.43 -17.69
C PHE A 347 6.49 10.33 -18.82
#